data_1H6P
#
_entry.id   1H6P
#
_cell.length_a   117.041
_cell.length_b   80.284
_cell.length_c   52.816
_cell.angle_alpha   90.00
_cell.angle_beta   101.95
_cell.angle_gamma   90.00
#
_symmetry.space_group_name_H-M   'C 1 2 1'
#
loop_
_entity.id
_entity.type
_entity.pdbx_description
1 polymer 'TELOMERIC REPEAT BINDING FACTOR 2'
2 non-polymer 'MAGNESIUM ION'
3 water water
#
_entity_poly.entity_id   1
_entity_poly.type   'polypeptide(L)'
_entity_poly.pdbx_seq_one_letter_code
;AGEARLEEAVNRWVLKFYFHEALRAFRGSRYGDFRQIRDIMQALLVRPLGKEHTVSRLLRVMQCLSRIEEGENLDCSFDM
EAELTPLESAINVLEMIKTEFTLTEAVVESSRKLVKEAAVIICIKNKEFEKASKILKKHMSKDPTTQKLRNDLLNIIREK
NLAHPVIQNFSYETFQQKMLRFLESHLDDAEPYLLTMAKKALK
;
_entity_poly.pdbx_strand_id   A,B
#
# COMPACT_ATOMS: atom_id res chain seq x y z
N ALA A 1 31.89 -15.67 -12.50
CA ALA A 1 31.38 -16.26 -11.22
C ALA A 1 31.98 -15.52 -10.02
N GLY A 2 33.31 -15.48 -9.99
CA GLY A 2 33.99 -14.80 -8.90
C GLY A 2 33.70 -13.31 -8.95
N GLU A 3 33.52 -12.78 -10.15
CA GLU A 3 33.24 -11.36 -10.34
C GLU A 3 31.86 -11.02 -9.78
N ALA A 4 30.91 -11.93 -9.97
CA ALA A 4 29.56 -11.72 -9.47
C ALA A 4 29.53 -11.74 -7.93
N ARG A 5 30.38 -12.56 -7.32
CA ARG A 5 30.45 -12.65 -5.87
C ARG A 5 31.08 -11.36 -5.31
N LEU A 6 32.07 -10.83 -6.03
CA LEU A 6 32.71 -9.60 -5.59
C LEU A 6 31.70 -8.45 -5.63
N GLU A 7 30.93 -8.39 -6.70
CA GLU A 7 29.94 -7.35 -6.88
C GLU A 7 28.89 -7.41 -5.76
N GLU A 8 28.54 -8.62 -5.35
CA GLU A 8 27.57 -8.80 -4.28
C GLU A 8 28.11 -8.29 -2.96
N ALA A 9 29.40 -8.55 -2.72
CA ALA A 9 30.05 -8.10 -1.49
C ALA A 9 30.03 -6.57 -1.43
N VAL A 10 30.34 -5.93 -2.56
CA VAL A 10 30.33 -4.48 -2.60
C VAL A 10 28.91 -3.95 -2.41
N ASN A 11 27.95 -4.52 -3.14
CA ASN A 11 26.55 -4.12 -3.03
C ASN A 11 26.08 -4.09 -1.57
N ARG A 12 26.53 -5.06 -0.79
CA ARG A 12 26.15 -5.13 0.62
C ARG A 12 26.78 -3.99 1.42
N TRP A 13 28.05 -3.68 1.13
CA TRP A 13 28.72 -2.59 1.84
C TRP A 13 28.03 -1.30 1.51
N VAL A 14 27.74 -1.11 0.23
CA VAL A 14 27.09 0.09 -0.25
C VAL A 14 25.73 0.25 0.41
N LEU A 15 24.92 -0.82 0.41
CA LEU A 15 23.61 -0.77 1.01
C LEU A 15 23.65 -0.40 2.50
N LYS A 16 24.58 -1.01 3.24
CA LYS A 16 24.73 -0.71 4.67
C LYS A 16 25.24 0.71 4.90
N PHE A 17 26.15 1.17 4.05
CA PHE A 17 26.66 2.52 4.20
C PHE A 17 25.50 3.51 4.04
N TYR A 18 24.77 3.39 2.94
CA TYR A 18 23.67 4.31 2.73
C TYR A 18 22.56 4.18 3.79
N PHE A 19 22.38 2.99 4.35
CA PHE A 19 21.37 2.82 5.39
C PHE A 19 21.78 3.70 6.58
N HIS A 20 23.07 3.63 6.94
CA HIS A 20 23.61 4.43 8.04
C HIS A 20 23.43 5.93 7.75
N GLU A 21 23.68 6.34 6.51
CA GLU A 21 23.51 7.75 6.13
C GLU A 21 22.03 8.17 6.07
N ALA A 22 21.15 7.22 5.71
CA ALA A 22 19.71 7.53 5.65
C ALA A 22 19.21 7.85 7.07
N LEU A 23 19.67 7.07 8.05
CA LEU A 23 19.28 7.24 9.44
C LEU A 23 19.85 8.55 9.97
N ARG A 24 21.07 8.86 9.55
CA ARG A 24 21.70 10.09 9.99
C ARG A 24 20.92 11.27 9.42
N ALA A 25 20.53 11.20 8.16
CA ALA A 25 19.75 12.27 7.54
C ALA A 25 18.40 12.42 8.27
N PHE A 26 17.72 11.30 8.51
CA PHE A 26 16.45 11.35 9.20
C PHE A 26 16.61 11.93 10.61
N ARG A 27 17.65 11.49 11.31
CA ARG A 27 17.90 11.95 12.67
C ARG A 27 18.16 13.46 12.72
N GLY A 28 18.72 13.99 11.64
CA GLY A 28 19.01 15.41 11.57
C GLY A 28 17.91 16.17 10.85
N SER A 29 16.77 15.49 10.67
CA SER A 29 15.63 16.10 10.01
C SER A 29 15.89 16.58 8.59
N ARG A 30 16.89 15.99 7.93
CA ARG A 30 17.18 16.34 6.54
C ARG A 30 16.42 15.31 5.70
N TYR A 31 15.11 15.48 5.63
CA TYR A 31 14.27 14.54 4.91
C TYR A 31 14.53 14.52 3.40
N GLY A 32 15.02 15.62 2.86
CA GLY A 32 15.33 15.69 1.45
C GLY A 32 16.47 14.73 1.15
N ASP A 33 17.51 14.75 1.98
CA ASP A 33 18.63 13.85 1.82
C ASP A 33 18.14 12.41 2.05
N PHE A 34 17.30 12.23 3.07
CA PHE A 34 16.77 10.90 3.37
C PHE A 34 16.16 10.31 2.11
N ARG A 35 15.28 11.07 1.47
CA ARG A 35 14.61 10.62 0.25
C ARG A 35 15.60 10.26 -0.84
N GLN A 36 16.62 11.09 -1.05
CA GLN A 36 17.61 10.82 -2.08
C GLN A 36 18.46 9.59 -1.76
N ILE A 37 18.82 9.42 -0.48
CA ILE A 37 19.62 8.26 -0.11
C ILE A 37 18.74 7.03 -0.27
N ARG A 38 17.49 7.14 0.17
CA ARG A 38 16.52 6.06 0.05
C ARG A 38 16.36 5.63 -1.44
N ASP A 39 16.37 6.60 -2.36
CA ASP A 39 16.23 6.24 -3.77
C ASP A 39 17.47 5.49 -4.26
N ILE A 40 18.63 5.82 -3.71
CA ILE A 40 19.83 5.11 -4.10
C ILE A 40 19.67 3.65 -3.65
N MET A 41 19.23 3.48 -2.41
CA MET A 41 19.05 2.15 -1.84
C MET A 41 18.02 1.29 -2.60
N GLN A 42 16.95 1.93 -3.08
CA GLN A 42 15.92 1.23 -3.83
C GLN A 42 16.49 0.69 -5.12
N ALA A 43 17.35 1.47 -5.78
CA ALA A 43 17.96 1.03 -7.02
C ALA A 43 18.94 -0.12 -6.75
N LEU A 44 19.56 -0.11 -5.59
CA LEU A 44 20.50 -1.15 -5.19
C LEU A 44 19.84 -2.50 -4.93
N LEU A 45 18.64 -2.46 -4.35
CA LEU A 45 17.90 -3.67 -4.01
C LEU A 45 17.54 -4.59 -5.16
N VAL A 46 17.59 -4.09 -6.39
CA VAL A 46 17.25 -4.94 -7.52
C VAL A 46 18.46 -5.79 -7.92
N ARG A 47 19.63 -5.38 -7.44
CA ARG A 47 20.89 -6.08 -7.74
C ARG A 47 21.10 -7.25 -6.79
N PRO A 48 21.93 -8.21 -7.18
CA PRO A 48 22.19 -9.37 -6.31
C PRO A 48 22.85 -8.92 -5.01
N LEU A 49 22.34 -9.39 -3.88
CA LEU A 49 22.90 -9.01 -2.59
C LEU A 49 23.53 -10.18 -1.86
N GLY A 50 23.87 -11.23 -2.61
CA GLY A 50 24.48 -12.40 -2.01
C GLY A 50 23.57 -13.02 -0.97
N VAL A 55 20.18 -6.05 4.90
CA VAL A 55 19.42 -7.08 5.61
C VAL A 55 17.92 -6.83 5.52
N SER A 56 17.14 -7.82 5.95
CA SER A 56 15.69 -7.76 5.94
C SER A 56 15.20 -6.79 7.01
N ARG A 57 16.04 -6.54 8.01
CA ARG A 57 15.68 -5.63 9.08
C ARG A 57 15.85 -4.22 8.53
N LEU A 58 17.00 -4.01 7.90
CA LEU A 58 17.35 -2.74 7.29
C LEU A 58 16.24 -2.34 6.33
N LEU A 59 15.66 -3.34 5.66
CA LEU A 59 14.57 -3.13 4.71
C LEU A 59 13.28 -2.64 5.36
N ARG A 60 12.87 -3.30 6.45
CA ARG A 60 11.64 -2.89 7.14
C ARG A 60 11.76 -1.52 7.78
N VAL A 61 12.93 -1.20 8.31
CA VAL A 61 13.12 0.10 8.93
C VAL A 61 12.95 1.19 7.89
N MET A 62 13.62 1.04 6.75
CA MET A 62 13.53 2.04 5.66
C MET A 62 12.10 2.21 5.22
N GLN A 63 11.39 1.09 5.16
CA GLN A 63 10.01 1.07 4.75
C GLN A 63 9.20 1.90 5.74
N CYS A 64 9.33 1.57 7.03
CA CYS A 64 8.61 2.29 8.07
C CYS A 64 8.94 3.77 8.01
N LEU A 65 10.23 4.11 7.97
CA LEU A 65 10.67 5.50 7.91
C LEU A 65 10.12 6.23 6.69
N SER A 66 9.98 5.51 5.58
CA SER A 66 9.45 6.09 4.34
C SER A 66 7.98 6.50 4.46
N ARG A 67 7.16 5.66 5.08
CA ARG A 67 5.75 5.98 5.28
C ARG A 67 5.63 7.20 6.22
N ILE A 68 6.39 7.18 7.31
CA ILE A 68 6.37 8.28 8.27
C ILE A 68 6.81 9.59 7.59
N GLU A 69 7.90 9.53 6.83
CA GLU A 69 8.41 10.73 6.16
C GLU A 69 7.39 11.40 5.24
N GLU A 70 6.51 10.61 4.64
CA GLU A 70 5.49 11.15 3.75
C GLU A 70 4.11 11.24 4.43
N GLY A 71 4.08 10.96 5.72
CA GLY A 71 2.83 10.99 6.47
C GLY A 71 1.98 12.26 6.44
N GLU A 72 2.61 13.41 6.23
CA GLU A 72 1.88 14.67 6.19
C GLU A 72 1.46 15.12 4.80
N ASN A 73 2.11 14.57 3.78
CA ASN A 73 1.83 14.94 2.39
C ASN A 73 0.34 15.06 2.05
N LEU A 74 0.06 15.81 0.99
CA LEU A 74 -1.29 16.06 0.52
C LEU A 74 -2.02 14.75 0.18
N SER A 77 -5.39 14.53 -4.84
CA SER A 77 -6.37 13.79 -5.62
C SER A 77 -6.44 12.32 -5.20
N PHE A 78 -7.17 11.53 -5.98
CA PHE A 78 -7.34 10.10 -5.70
C PHE A 78 -6.12 9.28 -6.13
N ASP A 79 -5.47 8.62 -5.17
CA ASP A 79 -4.31 7.79 -5.48
C ASP A 79 -4.75 6.38 -5.78
N MET A 80 -4.77 6.03 -7.06
CA MET A 80 -5.20 4.70 -7.46
C MET A 80 -4.17 3.62 -7.13
N GLU A 81 -2.95 4.05 -6.82
CA GLU A 81 -1.88 3.12 -6.49
C GLU A 81 -1.89 2.72 -5.00
N ALA A 82 -2.48 3.56 -4.15
CA ALA A 82 -2.50 3.26 -2.73
C ALA A 82 -3.83 3.58 -2.05
N GLU A 83 -4.44 2.55 -1.44
CA GLU A 83 -5.72 2.73 -0.75
C GLU A 83 -5.51 3.32 0.63
N LEU A 84 -4.37 2.99 1.24
CA LEU A 84 -4.05 3.46 2.59
C LEU A 84 -3.25 4.75 2.63
N THR A 85 -3.46 5.53 3.69
CA THR A 85 -2.70 6.75 3.86
C THR A 85 -1.36 6.19 4.35
N PRO A 86 -0.28 6.96 4.19
CA PRO A 86 1.07 6.53 4.61
C PRO A 86 1.16 5.96 6.05
N LEU A 87 0.55 6.64 7.01
CA LEU A 87 0.60 6.18 8.40
C LEU A 87 -0.21 4.91 8.62
N GLU A 88 -1.30 4.72 7.89
CA GLU A 88 -2.05 3.48 8.02
C GLU A 88 -1.10 2.37 7.61
N SER A 89 -0.35 2.61 6.55
CA SER A 89 0.61 1.63 6.06
C SER A 89 1.75 1.49 7.09
N ALA A 90 2.10 2.59 7.76
CA ALA A 90 3.14 2.53 8.79
C ALA A 90 2.71 1.52 9.88
N ILE A 91 1.42 1.50 10.19
CA ILE A 91 0.90 0.57 11.19
C ILE A 91 1.25 -0.87 10.80
N ASN A 92 1.00 -1.24 9.55
CA ASN A 92 1.29 -2.57 9.07
C ASN A 92 2.79 -2.86 9.20
N VAL A 93 3.60 -1.97 8.66
CA VAL A 93 5.05 -2.14 8.72
C VAL A 93 5.53 -2.35 10.15
N LEU A 94 4.98 -1.59 11.09
CA LEU A 94 5.39 -1.73 12.47
C LEU A 94 5.04 -3.13 12.99
N GLU A 95 3.89 -3.67 12.56
CA GLU A 95 3.50 -5.00 13.00
C GLU A 95 4.48 -6.01 12.43
N MET A 96 4.92 -5.79 11.20
CA MET A 96 5.86 -6.69 10.57
C MET A 96 7.19 -6.60 11.32
N ILE A 97 7.50 -5.41 11.82
CA ILE A 97 8.73 -5.19 12.56
C ILE A 97 8.65 -5.91 13.91
N LYS A 98 7.52 -5.81 14.58
CA LYS A 98 7.37 -6.49 15.87
C LYS A 98 7.62 -7.98 15.64
N THR A 99 6.91 -8.54 14.67
CA THR A 99 7.01 -9.95 14.29
C THR A 99 8.39 -10.37 13.82
N GLU A 100 8.94 -9.64 12.87
CA GLU A 100 10.24 -9.98 12.31
C GLU A 100 11.41 -9.65 13.23
N PHE A 101 11.21 -8.76 14.20
CA PHE A 101 12.28 -8.43 15.12
C PHE A 101 12.07 -9.17 16.44
N THR A 102 11.04 -10.01 16.49
CA THR A 102 10.69 -10.76 17.70
C THR A 102 10.71 -9.84 18.91
N LEU A 103 9.80 -8.87 18.92
CA LEU A 103 9.71 -7.92 20.02
C LEU A 103 8.46 -8.20 20.85
N THR A 104 8.56 -7.98 22.15
CA THR A 104 7.41 -8.21 23.02
C THR A 104 6.35 -7.17 22.69
N GLU A 105 5.11 -7.43 23.11
CA GLU A 105 4.01 -6.49 22.88
C GLU A 105 4.22 -5.25 23.75
N ALA A 106 4.87 -5.45 24.90
CA ALA A 106 5.13 -4.35 25.82
C ALA A 106 6.15 -3.35 25.27
N VAL A 107 6.96 -3.81 24.32
CA VAL A 107 7.98 -2.96 23.71
C VAL A 107 7.44 -2.18 22.51
N VAL A 108 6.43 -2.72 21.86
CA VAL A 108 5.83 -2.10 20.67
C VAL A 108 4.59 -1.25 20.94
N GLU A 109 3.85 -1.59 21.99
CA GLU A 109 2.62 -0.90 22.38
C GLU A 109 2.66 0.62 22.31
N SER A 110 3.62 1.23 22.99
CA SER A 110 3.72 2.68 23.02
C SER A 110 3.88 3.29 21.62
N SER A 111 4.83 2.77 20.85
CA SER A 111 5.07 3.27 19.50
C SER A 111 3.85 3.08 18.60
N ARG A 112 3.14 1.98 18.80
CA ARG A 112 1.94 1.66 18.00
C ARG A 112 0.87 2.73 18.20
N LYS A 113 0.63 3.13 19.44
CA LYS A 113 -0.37 4.16 19.73
C LYS A 113 0.03 5.49 19.10
N LEU A 114 1.32 5.81 19.14
CA LEU A 114 1.81 7.06 18.56
C LEU A 114 1.45 7.14 17.08
N VAL A 115 1.71 6.06 16.34
CA VAL A 115 1.42 6.05 14.92
C VAL A 115 -0.08 6.22 14.67
N LYS A 116 -0.87 5.43 15.37
CA LYS A 116 -2.33 5.51 15.24
C LYS A 116 -2.83 6.92 15.52
N GLU A 117 -2.31 7.55 16.57
CA GLU A 117 -2.73 8.91 16.91
C GLU A 117 -2.35 9.90 15.81
N ALA A 118 -1.13 9.76 15.28
CA ALA A 118 -0.69 10.66 14.22
C ALA A 118 -1.56 10.43 13.00
N ALA A 119 -1.90 9.17 12.74
CA ALA A 119 -2.72 8.82 11.59
C ALA A 119 -4.05 9.57 11.59
N VAL A 120 -4.71 9.66 12.74
CA VAL A 120 -5.98 10.36 12.81
C VAL A 120 -5.77 11.88 12.79
N ILE A 121 -4.87 12.36 13.62
CA ILE A 121 -4.61 13.79 13.70
C ILE A 121 -4.17 14.40 12.37
N ILE A 122 -3.35 13.68 11.61
CA ILE A 122 -2.91 14.21 10.33
C ILE A 122 -4.08 14.29 9.37
N CYS A 123 -4.97 13.31 9.41
CA CYS A 123 -6.12 13.35 8.52
C CYS A 123 -7.00 14.53 8.91
N ILE A 124 -7.11 14.77 10.22
CA ILE A 124 -7.89 15.90 10.72
C ILE A 124 -7.23 17.20 10.27
N LYS A 125 -5.91 17.31 10.42
CA LYS A 125 -5.21 18.53 10.02
C LYS A 125 -5.50 18.86 8.57
N ASN A 126 -5.92 17.84 7.82
CA ASN A 126 -6.30 18.03 6.43
C ASN A 126 -7.81 18.18 6.55
N LYS A 127 -8.54 18.12 5.44
CA LYS A 127 -9.99 18.25 5.54
C LYS A 127 -10.60 16.85 5.47
N GLU A 128 -9.75 15.86 5.65
CA GLU A 128 -10.16 14.45 5.59
C GLU A 128 -10.76 13.97 6.91
N PHE A 129 -11.94 14.48 7.25
CA PHE A 129 -12.59 14.08 8.50
C PHE A 129 -13.17 12.67 8.45
N GLU A 130 -13.63 12.24 7.29
CA GLU A 130 -14.18 10.90 7.16
C GLU A 130 -13.08 9.85 7.39
N LYS A 131 -11.96 10.04 6.71
CA LYS A 131 -10.83 9.11 6.86
C LYS A 131 -10.39 9.10 8.32
N ALA A 132 -10.32 10.28 8.93
CA ALA A 132 -9.93 10.39 10.32
C ALA A 132 -10.83 9.47 11.15
N SER A 133 -12.14 9.67 11.04
CA SER A 133 -13.11 8.86 11.79
C SER A 133 -12.94 7.37 11.44
N LYS A 134 -12.74 7.08 10.15
CA LYS A 134 -12.57 5.70 9.71
C LYS A 134 -11.36 5.07 10.39
N ILE A 135 -10.25 5.81 10.42
CA ILE A 135 -9.01 5.31 11.03
C ILE A 135 -9.18 5.05 12.53
N LEU A 136 -9.82 5.99 13.20
CA LEU A 136 -10.05 5.89 14.63
C LEU A 136 -10.94 4.71 14.99
N LYS A 137 -12.10 4.62 14.36
CA LYS A 137 -13.05 3.54 14.63
C LYS A 137 -12.50 2.17 14.25
N LYS A 138 -11.27 2.14 13.74
CA LYS A 138 -10.67 0.88 13.31
C LYS A 138 -9.45 0.43 14.13
N HIS A 139 -8.55 1.36 14.39
CA HIS A 139 -7.33 1.02 15.13
C HIS A 139 -7.36 1.33 16.62
N MET A 140 -8.16 2.32 17.01
CA MET A 140 -8.28 2.68 18.41
C MET A 140 -9.51 2.04 19.06
N ARG A 150 -9.03 6.13 26.89
CA ARG A 150 -10.29 6.13 26.16
C ARG A 150 -10.77 7.55 25.93
N ASN A 151 -10.28 8.48 26.75
CA ASN A 151 -10.66 9.88 26.65
C ASN A 151 -10.12 10.48 25.35
N ASP A 152 -8.82 10.33 25.14
CA ASP A 152 -8.18 10.84 23.93
C ASP A 152 -8.93 10.32 22.72
N LEU A 153 -9.40 9.08 22.83
CA LEU A 153 -10.18 8.45 21.76
C LEU A 153 -11.47 9.23 21.60
N LEU A 154 -12.08 9.58 22.73
CA LEU A 154 -13.32 10.35 22.73
C LEU A 154 -13.02 11.78 22.29
N ASN A 155 -11.90 12.30 22.77
CA ASN A 155 -11.49 13.65 22.43
C ASN A 155 -11.33 13.81 20.92
N ILE A 156 -10.75 12.80 20.29
CA ILE A 156 -10.56 12.87 18.85
C ILE A 156 -11.91 12.73 18.15
N ILE A 157 -12.73 11.78 18.60
CA ILE A 157 -14.06 11.60 18.00
C ILE A 157 -14.81 12.92 18.13
N ARG A 158 -14.63 13.58 19.27
CA ARG A 158 -15.25 14.86 19.57
C ARG A 158 -14.67 15.95 18.67
N GLU A 159 -13.35 16.03 18.63
CA GLU A 159 -12.67 17.02 17.81
C GLU A 159 -13.10 16.80 16.37
N LYS A 160 -13.16 15.53 15.97
CA LYS A 160 -13.57 15.18 14.62
C LYS A 160 -14.90 15.83 14.29
N ASN A 161 -14.83 17.07 13.81
CA ASN A 161 -16.00 17.88 13.45
C ASN A 161 -15.57 19.29 13.06
N LEU A 162 -14.67 19.37 12.08
CA LEU A 162 -14.17 20.65 11.57
C LEU A 162 -13.66 21.63 12.61
N ALA A 163 -12.98 21.12 13.63
CA ALA A 163 -12.43 21.98 14.69
C ALA A 163 -11.16 21.35 15.24
N HIS A 164 -10.02 21.63 14.60
CA HIS A 164 -8.76 21.06 15.05
C HIS A 164 -8.04 21.76 16.21
N PRO A 165 -8.37 23.03 16.49
CA PRO A 165 -7.66 23.67 17.60
C PRO A 165 -7.66 22.90 18.93
N VAL A 166 -8.63 22.02 19.14
CA VAL A 166 -8.69 21.24 20.37
C VAL A 166 -7.72 20.06 20.33
N ILE A 167 -6.48 20.28 20.79
CA ILE A 167 -5.42 19.26 20.82
C ILE A 167 -5.03 18.74 19.44
N GLN A 168 -5.97 18.82 18.49
CA GLN A 168 -5.70 18.37 17.13
C GLN A 168 -4.77 19.37 16.49
N ASN A 169 -3.59 19.51 17.09
CA ASN A 169 -2.54 20.41 16.63
C ASN A 169 -1.26 20.01 17.37
N PHE A 170 -0.80 18.77 17.13
CA PHE A 170 0.39 18.23 17.76
C PHE A 170 1.67 18.45 16.95
N SER A 171 2.74 17.73 17.29
CA SER A 171 4.00 17.88 16.58
C SER A 171 4.46 16.67 15.76
N TYR A 172 4.35 16.77 14.44
CA TYR A 172 4.77 15.67 13.58
C TYR A 172 6.28 15.41 13.70
N GLU A 173 7.06 16.47 13.87
CA GLU A 173 8.51 16.34 14.02
C GLU A 173 8.85 15.49 15.24
N THR A 174 8.19 15.75 16.36
CA THR A 174 8.42 14.99 17.59
C THR A 174 8.03 13.53 17.33
N PHE A 175 6.89 13.35 16.66
CA PHE A 175 6.40 12.03 16.32
C PHE A 175 7.44 11.25 15.50
N GLN A 176 7.97 11.88 14.46
CA GLN A 176 8.97 11.23 13.61
C GLN A 176 10.24 10.82 14.34
N GLN A 177 10.76 11.70 15.17
CA GLN A 177 11.99 11.42 15.91
C GLN A 177 11.80 10.36 16.97
N LYS A 178 10.60 10.29 17.55
CA LYS A 178 10.33 9.26 18.55
C LYS A 178 10.34 7.90 17.85
N MET A 179 9.73 7.85 16.67
CA MET A 179 9.65 6.63 15.90
C MET A 179 11.04 6.17 15.50
N LEU A 180 11.88 7.10 15.06
CA LEU A 180 13.24 6.77 14.68
C LEU A 180 13.99 6.21 15.89
N ARG A 181 13.85 6.88 17.03
CA ARG A 181 14.52 6.46 18.26
C ARG A 181 14.11 5.02 18.59
N PHE A 182 12.82 4.74 18.48
CA PHE A 182 12.32 3.39 18.75
C PHE A 182 12.94 2.38 17.78
N LEU A 183 12.86 2.67 16.48
CA LEU A 183 13.42 1.76 15.48
C LEU A 183 14.92 1.60 15.72
N GLU A 184 15.57 2.71 16.04
CA GLU A 184 17.01 2.73 16.27
C GLU A 184 17.44 1.90 17.47
N SER A 185 16.56 1.77 18.46
CA SER A 185 16.88 1.01 19.66
C SER A 185 17.04 -0.50 19.42
N HIS A 186 16.54 -0.99 18.28
CA HIS A 186 16.64 -2.41 17.97
C HIS A 186 17.64 -2.74 16.87
N LEU A 187 18.49 -1.78 16.52
CA LEU A 187 19.48 -1.98 15.48
C LEU A 187 20.90 -2.06 16.04
N ASP A 188 21.84 -2.44 15.18
CA ASP A 188 23.24 -2.55 15.57
C ASP A 188 23.86 -1.16 15.45
N ASP A 189 24.72 -0.81 16.41
CA ASP A 189 25.37 0.49 16.44
C ASP A 189 26.66 0.59 15.63
N ALA A 190 27.21 -0.54 15.21
CA ALA A 190 28.46 -0.57 14.46
C ALA A 190 28.46 0.28 13.18
N GLU A 191 29.56 0.99 12.96
CA GLU A 191 29.70 1.83 11.77
C GLU A 191 29.85 0.95 10.54
N PRO A 192 29.35 1.42 9.38
CA PRO A 192 29.44 0.67 8.13
C PRO A 192 30.91 0.65 7.68
N TYR A 193 31.32 -0.47 7.12
CA TYR A 193 32.70 -0.62 6.63
C TYR A 193 33.16 0.56 5.76
N LEU A 194 32.27 1.06 4.89
CA LEU A 194 32.66 2.16 4.01
C LEU A 194 32.93 3.46 4.75
N LEU A 195 32.21 3.70 5.83
CA LEU A 195 32.41 4.92 6.62
C LEU A 195 33.77 4.80 7.32
N THR A 196 34.04 3.62 7.87
CA THR A 196 35.32 3.39 8.53
C THR A 196 36.47 3.60 7.54
N MET A 197 36.33 3.10 6.31
CA MET A 197 37.39 3.28 5.32
C MET A 197 37.54 4.73 4.91
N ALA A 198 36.43 5.48 4.88
CA ALA A 198 36.48 6.89 4.51
C ALA A 198 37.26 7.67 5.59
N LYS A 199 36.96 7.39 6.84
CA LYS A 199 37.65 8.09 7.92
C LYS A 199 39.15 7.77 7.87
N LYS A 200 39.50 6.52 7.61
CA LYS A 200 40.92 6.15 7.54
C LYS A 200 41.60 6.84 6.35
N ALA A 201 40.83 7.11 5.30
CA ALA A 201 41.37 7.76 4.11
C ALA A 201 41.92 9.16 4.38
N LEU A 202 41.39 9.82 5.41
CA LEU A 202 41.86 11.17 5.76
C LEU A 202 43.15 11.14 6.58
N LYS A 203 43.45 9.98 7.16
CA LYS A 203 44.64 9.82 7.97
C LYS A 203 45.83 9.42 7.09
N GLU B 3 -14.58 27.25 -19.88
CA GLU B 3 -13.94 27.70 -18.65
C GLU B 3 -13.67 26.51 -17.74
N ALA B 4 -13.58 26.75 -16.44
CA ALA B 4 -13.33 25.70 -15.47
C ALA B 4 -14.45 24.66 -15.51
N ARG B 5 -15.68 25.12 -15.33
CA ARG B 5 -16.84 24.24 -15.36
C ARG B 5 -16.89 23.40 -16.63
N LEU B 6 -16.55 24.01 -17.78
CA LEU B 6 -16.55 23.28 -19.04
C LEU B 6 -15.54 22.14 -19.01
N GLU B 7 -14.30 22.43 -18.60
CA GLU B 7 -13.26 21.40 -18.53
C GLU B 7 -13.68 20.29 -17.59
N GLU B 8 -14.26 20.65 -16.44
CA GLU B 8 -14.70 19.66 -15.47
C GLU B 8 -15.76 18.74 -16.04
N ALA B 9 -16.67 19.31 -16.85
CA ALA B 9 -17.74 18.53 -17.47
C ALA B 9 -17.13 17.52 -18.43
N VAL B 10 -16.20 17.97 -19.26
CA VAL B 10 -15.53 17.10 -20.21
C VAL B 10 -14.68 16.05 -19.49
N ASN B 11 -13.97 16.47 -18.45
CA ASN B 11 -13.13 15.54 -17.66
C ASN B 11 -13.96 14.36 -17.17
N ARG B 12 -15.16 14.66 -16.68
CA ARG B 12 -16.07 13.61 -16.20
C ARG B 12 -16.45 12.70 -17.37
N TRP B 13 -16.76 13.29 -18.52
CA TRP B 13 -17.13 12.49 -19.69
C TRP B 13 -15.98 11.56 -20.08
N VAL B 14 -14.79 12.13 -20.15
CA VAL B 14 -13.61 11.39 -20.52
C VAL B 14 -13.32 10.25 -19.55
N LEU B 15 -13.39 10.54 -18.25
CA LEU B 15 -13.14 9.53 -17.23
C LEU B 15 -14.13 8.37 -17.34
N LYS B 16 -15.41 8.70 -17.46
CA LYS B 16 -16.44 7.67 -17.57
C LYS B 16 -16.30 6.83 -18.84
N PHE B 17 -15.87 7.46 -19.93
CA PHE B 17 -15.68 6.71 -21.17
C PHE B 17 -14.56 5.70 -20.98
N TYR B 18 -13.41 6.18 -20.52
CA TYR B 18 -12.29 5.27 -20.32
C TYR B 18 -12.58 4.20 -19.27
N PHE B 19 -13.40 4.52 -18.28
CA PHE B 19 -13.77 3.55 -17.25
C PHE B 19 -14.46 2.42 -17.99
N HIS B 20 -15.37 2.79 -18.87
CA HIS B 20 -16.11 1.83 -19.66
C HIS B 20 -15.17 0.98 -20.51
N GLU B 21 -14.24 1.63 -21.21
CA GLU B 21 -13.31 0.90 -22.06
C GLU B 21 -12.33 0.01 -21.30
N ALA B 22 -11.97 0.40 -20.08
CA ALA B 22 -11.04 -0.39 -19.28
C ALA B 22 -11.73 -1.67 -18.82
N LEU B 23 -13.02 -1.54 -18.45
CA LEU B 23 -13.78 -2.71 -18.02
C LEU B 23 -13.88 -3.65 -19.20
N ARG B 24 -14.05 -3.09 -20.39
CA ARG B 24 -14.17 -3.88 -21.62
C ARG B 24 -12.85 -4.64 -21.88
N ALA B 25 -11.72 -3.95 -21.75
CA ALA B 25 -10.42 -4.56 -21.95
C ALA B 25 -10.18 -5.69 -20.94
N PHE B 26 -10.53 -5.43 -19.68
CA PHE B 26 -10.36 -6.44 -18.63
C PHE B 26 -11.24 -7.66 -18.94
N ARG B 27 -12.50 -7.41 -19.28
CA ARG B 27 -13.45 -8.47 -19.60
C ARG B 27 -12.92 -9.33 -20.75
N GLY B 28 -12.34 -8.69 -21.75
CA GLY B 28 -11.82 -9.43 -22.89
C GLY B 28 -10.40 -9.91 -22.65
N SER B 29 -9.97 -9.88 -21.39
CA SER B 29 -8.63 -10.31 -21.03
C SER B 29 -7.51 -9.56 -21.77
N ARG B 30 -7.74 -8.29 -22.09
CA ARG B 30 -6.74 -7.47 -22.77
C ARG B 30 -6.10 -6.58 -21.69
N TYR B 31 -5.39 -7.21 -20.77
CA TYR B 31 -4.76 -6.52 -19.65
C TYR B 31 -3.79 -5.42 -20.02
N GLY B 32 -3.15 -5.57 -21.18
CA GLY B 32 -2.22 -4.54 -21.63
C GLY B 32 -3.01 -3.27 -21.92
N ASP B 33 -4.16 -3.41 -22.57
CA ASP B 33 -4.98 -2.25 -22.88
C ASP B 33 -5.58 -1.69 -21.59
N PHE B 34 -5.93 -2.57 -20.67
CA PHE B 34 -6.48 -2.14 -19.39
C PHE B 34 -5.45 -1.28 -18.65
N ARG B 35 -4.20 -1.71 -18.66
CA ARG B 35 -3.15 -0.97 -17.99
C ARG B 35 -2.96 0.41 -18.62
N GLN B 36 -2.93 0.46 -19.94
CA GLN B 36 -2.77 1.74 -20.64
C GLN B 36 -3.93 2.69 -20.39
N ILE B 37 -5.15 2.16 -20.46
CA ILE B 37 -6.35 2.98 -20.26
C ILE B 37 -6.40 3.46 -18.81
N ARG B 38 -5.97 2.61 -17.90
CA ARG B 38 -5.94 2.95 -16.48
C ARG B 38 -4.91 4.07 -16.23
N ASP B 39 -3.79 4.08 -16.97
CA ASP B 39 -2.82 5.14 -16.77
C ASP B 39 -3.37 6.50 -17.22
N ILE B 40 -4.22 6.47 -18.23
CA ILE B 40 -4.83 7.68 -18.75
C ILE B 40 -5.76 8.25 -17.68
N MET B 41 -6.54 7.36 -17.07
CA MET B 41 -7.48 7.76 -16.04
C MET B 41 -6.70 8.26 -14.84
N GLN B 42 -5.55 7.64 -14.61
CA GLN B 42 -4.71 8.05 -13.48
C GLN B 42 -4.27 9.50 -13.70
N ALA B 43 -3.89 9.83 -14.93
CA ALA B 43 -3.45 11.19 -15.26
C ALA B 43 -4.59 12.22 -15.20
N LEU B 44 -5.79 11.79 -15.56
CA LEU B 44 -6.94 12.70 -15.54
C LEU B 44 -7.42 13.04 -14.13
N LEU B 45 -7.17 12.15 -13.18
CA LEU B 45 -7.58 12.35 -11.80
C LEU B 45 -6.96 13.57 -11.11
N VAL B 46 -5.86 14.09 -11.64
CA VAL B 46 -5.24 15.25 -11.02
C VAL B 46 -6.01 16.52 -11.38
N ARG B 47 -6.75 16.45 -12.48
CA ARG B 47 -7.54 17.60 -12.95
C ARG B 47 -8.83 17.75 -12.16
N PRO B 48 -9.41 18.95 -12.18
CA PRO B 48 -10.66 19.09 -11.43
C PRO B 48 -11.75 18.25 -12.10
N LEU B 49 -12.52 17.53 -11.30
CA LEU B 49 -13.57 16.67 -11.80
C LEU B 49 -14.90 17.02 -11.14
N GLY B 50 -15.92 16.25 -11.43
CA GLY B 50 -17.20 16.50 -10.78
C GLY B 50 -16.96 16.10 -9.33
N LYS B 51 -16.34 17.00 -8.57
CA LYS B 51 -16.02 16.76 -7.17
C LYS B 51 -16.89 15.69 -6.50
N GLU B 52 -18.13 16.05 -6.20
CA GLU B 52 -19.05 15.13 -5.53
C GLU B 52 -19.46 13.90 -6.32
N HIS B 53 -19.44 14.00 -7.66
CA HIS B 53 -19.83 12.88 -8.52
C HIS B 53 -19.51 11.47 -8.05
N THR B 54 -20.26 10.52 -8.59
CA THR B 54 -20.12 9.10 -8.28
C THR B 54 -18.84 8.56 -8.92
N VAL B 55 -17.97 9.49 -9.30
CA VAL B 55 -16.69 9.14 -9.89
C VAL B 55 -15.90 8.32 -8.87
N SER B 56 -16.17 8.58 -7.59
CA SER B 56 -15.48 7.88 -6.51
C SER B 56 -15.74 6.38 -6.52
N ARG B 57 -16.97 5.97 -6.79
CA ARG B 57 -17.29 4.53 -6.84
C ARG B 57 -16.46 3.94 -7.98
N LEU B 58 -16.53 4.60 -9.13
CA LEU B 58 -15.82 4.22 -10.35
C LEU B 58 -14.32 4.10 -10.08
N LEU B 59 -13.81 5.00 -9.23
CA LEU B 59 -12.39 4.98 -8.90
C LEU B 59 -12.01 3.82 -8.00
N ARG B 60 -12.88 3.43 -7.07
CA ARG B 60 -12.60 2.29 -6.20
C ARG B 60 -12.52 1.01 -7.00
N VAL B 61 -13.42 0.86 -7.97
CA VAL B 61 -13.45 -0.31 -8.84
C VAL B 61 -12.13 -0.40 -9.61
N MET B 62 -11.77 0.69 -10.29
CA MET B 62 -10.52 0.71 -11.06
C MET B 62 -9.37 0.34 -10.13
N GLN B 63 -9.44 0.84 -8.92
CA GLN B 63 -8.41 0.57 -7.94
C GLN B 63 -8.37 -0.92 -7.61
N CYS B 64 -9.55 -1.51 -7.37
CA CYS B 64 -9.61 -2.93 -7.04
C CYS B 64 -9.09 -3.75 -8.21
N LEU B 65 -9.53 -3.45 -9.42
CA LEU B 65 -9.09 -4.18 -10.61
C LEU B 65 -7.58 -4.06 -10.83
N SER B 66 -7.00 -2.90 -10.48
CA SER B 66 -5.56 -2.70 -10.65
C SER B 66 -4.77 -3.68 -9.77
N ARG B 67 -5.21 -3.83 -8.54
CA ARG B 67 -4.55 -4.73 -7.60
C ARG B 67 -4.62 -6.16 -8.09
N ILE B 68 -5.81 -6.58 -8.53
CA ILE B 68 -6.01 -7.94 -9.03
C ILE B 68 -5.17 -8.18 -10.27
N GLU B 69 -5.18 -7.22 -11.20
CA GLU B 69 -4.43 -7.34 -12.45
C GLU B 69 -2.93 -7.53 -12.21
N GLU B 70 -2.40 -6.92 -11.15
CA GLU B 70 -0.98 -7.06 -10.87
C GLU B 70 -0.67 -8.09 -9.79
N GLY B 71 -1.70 -8.53 -9.08
CA GLY B 71 -1.50 -9.48 -8.00
C GLY B 71 -0.81 -10.78 -8.33
N GLU B 72 -0.80 -11.14 -9.62
CA GLU B 72 -0.19 -12.38 -10.07
C GLU B 72 1.33 -12.27 -10.17
N ASN B 73 1.84 -11.04 -10.24
CA ASN B 73 3.28 -10.82 -10.33
C ASN B 73 3.94 -11.03 -8.96
N SER B 77 12.41 -8.04 -6.28
CA SER B 77 13.21 -7.44 -5.22
C SER B 77 12.33 -6.92 -4.08
N PHE B 78 12.96 -6.32 -3.08
CA PHE B 78 12.26 -5.76 -1.94
C PHE B 78 11.71 -4.38 -2.32
N ASP B 79 10.42 -4.17 -2.10
CA ASP B 79 9.81 -2.89 -2.44
C ASP B 79 9.65 -1.99 -1.22
N MET B 80 10.38 -0.88 -1.21
CA MET B 80 10.32 0.06 -0.10
C MET B 80 9.00 0.83 -0.09
N GLU B 81 8.29 0.77 -1.22
CA GLU B 81 7.02 1.49 -1.35
C GLU B 81 5.76 0.66 -1.08
N ALA B 82 5.90 -0.66 -0.93
CA ALA B 82 4.73 -1.49 -0.68
C ALA B 82 5.00 -2.71 0.20
N GLU B 83 4.51 -2.67 1.44
CA GLU B 83 4.68 -3.79 2.37
C GLU B 83 3.77 -4.95 2.00
N LEU B 84 2.61 -4.61 1.46
CA LEU B 84 1.60 -5.59 1.06
C LEU B 84 1.74 -6.09 -0.37
N THR B 85 1.30 -7.33 -0.61
CA THR B 85 1.32 -7.87 -1.95
C THR B 85 0.04 -7.28 -2.52
N PRO B 86 -0.06 -7.18 -3.86
CA PRO B 86 -1.25 -6.62 -4.51
C PRO B 86 -2.60 -7.13 -3.99
N LEU B 87 -2.75 -8.45 -3.85
CA LEU B 87 -4.02 -9.02 -3.39
C LEU B 87 -4.35 -8.69 -1.93
N GLU B 88 -3.32 -8.58 -1.09
CA GLU B 88 -3.55 -8.22 0.30
C GLU B 88 -4.11 -6.82 0.27
N SER B 89 -3.62 -6.03 -0.67
CA SER B 89 -4.09 -4.67 -0.84
C SER B 89 -5.51 -4.72 -1.39
N ALA B 90 -5.77 -5.65 -2.31
CA ALA B 90 -7.12 -5.78 -2.87
C ALA B 90 -8.14 -6.04 -1.76
N ILE B 91 -7.72 -6.72 -0.70
CA ILE B 91 -8.64 -6.98 0.41
C ILE B 91 -9.10 -5.66 1.03
N ASN B 92 -8.16 -4.74 1.22
CA ASN B 92 -8.47 -3.43 1.79
C ASN B 92 -9.46 -2.69 0.89
N VAL B 93 -9.19 -2.72 -0.41
CA VAL B 93 -10.04 -2.03 -1.37
C VAL B 93 -11.46 -2.59 -1.36
N LEU B 94 -11.57 -3.90 -1.21
CA LEU B 94 -12.88 -4.55 -1.19
C LEU B 94 -13.66 -4.05 0.02
N GLU B 95 -12.97 -3.85 1.14
CA GLU B 95 -13.65 -3.35 2.34
C GLU B 95 -14.13 -1.93 2.10
N MET B 96 -13.41 -1.19 1.26
CA MET B 96 -13.78 0.18 0.97
C MET B 96 -14.95 0.21 -0.01
N ILE B 97 -15.01 -0.79 -0.89
CA ILE B 97 -16.11 -0.88 -1.85
C ILE B 97 -17.40 -1.22 -1.10
N LYS B 98 -17.31 -2.15 -0.16
CA LYS B 98 -18.46 -2.56 0.63
C LYS B 98 -19.03 -1.36 1.38
N THR B 99 -18.14 -0.61 2.02
CA THR B 99 -18.53 0.56 2.79
C THR B 99 -19.03 1.71 1.93
N GLU B 100 -18.43 1.88 0.75
CA GLU B 100 -18.83 2.96 -0.13
C GLU B 100 -20.07 2.64 -0.94
N PHE B 101 -20.14 1.42 -1.48
CA PHE B 101 -21.29 1.01 -2.26
C PHE B 101 -22.43 0.60 -1.33
N THR B 102 -22.18 0.70 -0.03
CA THR B 102 -23.17 0.33 0.98
C THR B 102 -23.68 -1.08 0.71
N LEU B 103 -22.78 -2.04 0.75
CA LEU B 103 -23.14 -3.43 0.53
C LEU B 103 -23.24 -4.14 1.88
N THR B 104 -24.13 -5.12 1.96
CA THR B 104 -24.28 -5.86 3.20
C THR B 104 -23.09 -6.82 3.28
N GLU B 105 -22.77 -7.25 4.49
CA GLU B 105 -21.67 -8.18 4.68
C GLU B 105 -21.89 -9.48 3.90
N ALA B 106 -23.16 -9.84 3.73
CA ALA B 106 -23.53 -11.08 3.04
C ALA B 106 -23.15 -11.09 1.56
N VAL B 107 -23.37 -9.97 0.89
CA VAL B 107 -23.08 -9.87 -0.54
C VAL B 107 -21.59 -9.81 -0.85
N VAL B 108 -20.78 -9.44 0.13
CA VAL B 108 -19.33 -9.32 -0.06
C VAL B 108 -18.52 -10.51 0.44
N GLU B 109 -19.01 -11.16 1.50
CA GLU B 109 -18.34 -12.30 2.12
C GLU B 109 -17.66 -13.29 1.17
N SER B 110 -18.39 -13.76 0.17
CA SER B 110 -17.85 -14.72 -0.79
C SER B 110 -16.64 -14.17 -1.53
N SER B 111 -16.73 -12.93 -2.01
CA SER B 111 -15.62 -12.30 -2.73
C SER B 111 -14.40 -12.18 -1.82
N ARG B 112 -14.63 -11.78 -0.57
CA ARG B 112 -13.54 -11.64 0.40
C ARG B 112 -12.74 -12.93 0.46
N LYS B 113 -13.42 -14.01 0.86
CA LYS B 113 -12.80 -15.32 0.97
C LYS B 113 -12.06 -15.69 -0.32
N LEU B 114 -12.63 -15.31 -1.44
CA LEU B 114 -12.02 -15.60 -2.73
C LEU B 114 -10.68 -14.86 -2.85
N VAL B 115 -10.68 -13.57 -2.55
CA VAL B 115 -9.45 -12.77 -2.64
C VAL B 115 -8.41 -13.32 -1.66
N LYS B 116 -8.86 -13.65 -0.45
CA LYS B 116 -7.95 -14.19 0.58
C LYS B 116 -7.28 -15.50 0.13
N GLU B 117 -8.06 -16.40 -0.43
CA GLU B 117 -7.54 -17.69 -0.89
C GLU B 117 -6.56 -17.46 -2.03
N ALA B 118 -6.96 -16.62 -2.98
CA ALA B 118 -6.10 -16.31 -4.11
C ALA B 118 -4.79 -15.68 -3.64
N ALA B 119 -4.87 -14.84 -2.60
CA ALA B 119 -3.68 -14.18 -2.07
C ALA B 119 -2.62 -15.19 -1.62
N VAL B 120 -3.04 -16.19 -0.86
CA VAL B 120 -2.12 -17.22 -0.37
C VAL B 120 -1.67 -18.13 -1.51
N ILE B 121 -2.63 -18.69 -2.23
CA ILE B 121 -2.34 -19.60 -3.31
C ILE B 121 -1.40 -19.04 -4.38
N ILE B 122 -1.64 -17.79 -4.78
CA ILE B 122 -0.79 -17.18 -5.81
C ILE B 122 0.65 -17.07 -5.32
N CYS B 123 0.83 -16.76 -4.02
CA CYS B 123 2.17 -16.65 -3.45
C CYS B 123 2.84 -18.03 -3.45
N ILE B 124 2.06 -19.07 -3.18
CA ILE B 124 2.60 -20.44 -3.17
C ILE B 124 3.06 -20.80 -4.57
N LYS B 125 2.21 -20.53 -5.56
CA LYS B 125 2.51 -20.82 -6.95
C LYS B 125 3.78 -20.11 -7.41
N ASN B 126 4.01 -18.89 -6.92
CA ASN B 126 5.20 -18.15 -7.31
C ASN B 126 6.38 -18.58 -6.44
N LYS B 127 6.13 -19.60 -5.62
CA LYS B 127 7.15 -20.15 -4.73
C LYS B 127 7.67 -19.14 -3.71
N GLU B 128 6.76 -18.63 -2.88
CA GLU B 128 7.10 -17.69 -1.83
C GLU B 128 6.27 -18.07 -0.61
N PHE B 129 6.41 -19.33 -0.21
CA PHE B 129 5.67 -19.87 0.93
C PHE B 129 5.85 -19.02 2.17
N GLU B 130 6.96 -18.29 2.24
CA GLU B 130 7.22 -17.43 3.38
C GLU B 130 6.11 -16.39 3.47
N LYS B 131 5.83 -15.74 2.35
CA LYS B 131 4.78 -14.73 2.28
C LYS B 131 3.42 -15.39 2.32
N ALA B 132 3.32 -16.58 1.71
CA ALA B 132 2.06 -17.31 1.70
C ALA B 132 1.68 -17.64 3.14
N SER B 133 2.70 -17.94 3.95
CA SER B 133 2.51 -18.28 5.35
C SER B 133 1.98 -17.07 6.12
N LYS B 134 2.70 -15.96 6.01
CA LYS B 134 2.30 -14.74 6.71
C LYS B 134 0.86 -14.38 6.34
N ILE B 135 0.54 -14.45 5.05
CA ILE B 135 -0.81 -14.12 4.60
C ILE B 135 -1.81 -15.12 5.14
N LEU B 136 -1.48 -16.40 5.02
CA LEU B 136 -2.35 -17.47 5.50
C LEU B 136 -2.63 -17.28 7.00
N LYS B 137 -1.58 -17.14 7.79
CA LYS B 137 -1.77 -16.96 9.23
C LYS B 137 -2.58 -15.69 9.50
N LYS B 138 -2.19 -14.59 8.86
CA LYS B 138 -2.87 -13.31 9.02
C LYS B 138 -4.35 -13.33 8.65
N HIS B 139 -4.67 -13.88 7.48
CA HIS B 139 -6.05 -13.93 7.02
C HIS B 139 -6.64 -15.33 7.11
N MET B 140 -7.96 -15.41 7.05
CA MET B 140 -8.65 -16.71 7.13
C MET B 140 -8.11 -17.56 8.28
N ARG B 150 -12.52 -24.54 7.68
CA ARG B 150 -11.13 -24.47 8.08
C ARG B 150 -10.35 -25.66 7.52
N ASN B 151 -10.96 -26.36 6.58
CA ASN B 151 -10.33 -27.53 5.97
C ASN B 151 -9.29 -27.11 4.95
N ASP B 152 -9.54 -25.98 4.30
CA ASP B 152 -8.63 -25.48 3.29
C ASP B 152 -7.35 -24.95 3.93
N LEU B 153 -7.50 -24.31 5.09
CA LEU B 153 -6.35 -23.77 5.81
C LEU B 153 -5.31 -24.86 6.06
N LEU B 154 -5.77 -26.00 6.57
CA LEU B 154 -4.88 -27.12 6.84
C LEU B 154 -4.10 -27.52 5.59
N ASN B 155 -4.82 -27.81 4.52
CA ASN B 155 -4.21 -28.20 3.25
C ASN B 155 -3.13 -27.20 2.82
N ILE B 156 -3.49 -25.91 2.84
CA ILE B 156 -2.56 -24.87 2.46
C ILE B 156 -1.32 -24.90 3.35
N ILE B 157 -1.52 -24.97 4.67
CA ILE B 157 -0.40 -25.01 5.61
C ILE B 157 0.47 -26.21 5.31
N ARG B 158 -0.16 -27.38 5.20
CA ARG B 158 0.57 -28.61 4.90
C ARG B 158 1.23 -28.44 3.55
N GLU B 159 0.51 -27.85 2.60
CA GLU B 159 1.02 -27.62 1.26
C GLU B 159 2.18 -26.62 1.32
N LYS B 160 2.12 -25.72 2.28
CA LYS B 160 3.18 -24.70 2.43
C LYS B 160 4.53 -25.36 2.65
N ASN B 161 4.54 -26.68 2.83
CA ASN B 161 5.77 -27.43 3.03
C ASN B 161 6.41 -27.69 1.66
N LEU B 162 6.05 -26.84 0.69
CA LEU B 162 6.57 -26.92 -0.68
C LEU B 162 5.98 -28.04 -1.54
N ALA B 163 4.67 -28.01 -1.72
CA ALA B 163 3.98 -29.02 -2.55
C ALA B 163 2.96 -28.33 -3.45
N HIS B 164 3.28 -28.22 -4.73
CA HIS B 164 2.40 -27.55 -5.69
C HIS B 164 1.33 -28.43 -6.34
N PRO B 165 1.64 -29.70 -6.62
CA PRO B 165 0.65 -30.59 -7.24
C PRO B 165 -0.61 -30.80 -6.41
N VAL B 166 -0.78 -30.03 -5.33
CA VAL B 166 -1.95 -30.16 -4.47
C VAL B 166 -2.83 -28.92 -4.55
N ILE B 167 -3.92 -29.01 -5.33
CA ILE B 167 -4.87 -27.91 -5.49
C ILE B 167 -4.25 -26.54 -5.81
N GLN B 168 -2.93 -26.44 -5.70
CA GLN B 168 -2.25 -25.19 -6.01
C GLN B 168 -2.35 -24.97 -7.52
N ASN B 169 -3.18 -25.78 -8.17
CA ASN B 169 -3.38 -25.69 -9.61
C ASN B 169 -4.66 -24.95 -9.97
N PHE B 170 -4.87 -23.78 -9.37
CA PHE B 170 -6.05 -22.99 -9.67
C PHE B 170 -5.70 -22.04 -10.80
N SER B 171 -6.69 -21.32 -11.31
CA SER B 171 -6.45 -20.38 -12.41
C SER B 171 -6.61 -18.91 -12.01
N TYR B 172 -5.57 -18.12 -12.22
CA TYR B 172 -5.62 -16.70 -11.89
C TYR B 172 -6.60 -16.03 -12.85
N GLU B 173 -6.65 -16.51 -14.09
CA GLU B 173 -7.56 -15.95 -15.09
C GLU B 173 -8.99 -16.08 -14.59
N THR B 174 -9.36 -17.30 -14.21
CA THR B 174 -10.70 -17.57 -13.72
C THR B 174 -11.00 -16.72 -12.49
N PHE B 175 -9.98 -16.49 -11.68
CA PHE B 175 -10.15 -15.67 -10.49
C PHE B 175 -10.39 -14.20 -10.85
N GLN B 176 -9.56 -13.67 -11.75
CA GLN B 176 -9.70 -12.27 -12.17
C GLN B 176 -11.08 -11.99 -12.73
N GLN B 177 -11.50 -12.83 -13.67
CA GLN B 177 -12.79 -12.66 -14.31
C GLN B 177 -13.96 -12.74 -13.35
N LYS B 178 -13.81 -13.55 -12.30
CA LYS B 178 -14.88 -13.69 -11.32
C LYS B 178 -14.97 -12.43 -10.47
N MET B 179 -13.82 -11.83 -10.15
CA MET B 179 -13.84 -10.61 -9.37
C MET B 179 -14.45 -9.50 -10.22
N LEU B 180 -14.11 -9.48 -11.51
CA LEU B 180 -14.67 -8.44 -12.39
C LEU B 180 -16.19 -8.52 -12.39
N ARG B 181 -16.73 -9.74 -12.49
CA ARG B 181 -18.19 -9.88 -12.50
C ARG B 181 -18.77 -9.39 -11.18
N PHE B 182 -18.08 -9.68 -10.07
CA PHE B 182 -18.57 -9.20 -8.78
C PHE B 182 -18.68 -7.68 -8.83
N LEU B 183 -17.58 -7.03 -9.24
CA LEU B 183 -17.55 -5.57 -9.33
C LEU B 183 -18.60 -5.00 -10.27
N GLU B 184 -18.74 -5.61 -11.46
CA GLU B 184 -19.71 -5.12 -12.42
C GLU B 184 -21.16 -5.21 -11.95
N SER B 185 -21.45 -6.21 -11.13
CA SER B 185 -22.83 -6.41 -10.63
C SER B 185 -23.32 -5.24 -9.80
N HIS B 186 -22.41 -4.36 -9.39
CA HIS B 186 -22.77 -3.22 -8.57
C HIS B 186 -22.60 -1.90 -9.30
N LEU B 187 -22.45 -1.97 -10.62
CA LEU B 187 -22.28 -0.77 -11.42
C LEU B 187 -23.50 -0.53 -12.29
N ASP B 188 -23.70 0.73 -12.67
CA ASP B 188 -24.82 1.06 -13.54
C ASP B 188 -24.50 0.39 -14.86
N ASP B 189 -25.52 0.22 -15.71
CA ASP B 189 -25.34 -0.42 -17.00
C ASP B 189 -25.24 0.63 -18.12
N ALA B 190 -25.46 1.89 -17.73
CA ALA B 190 -25.41 3.01 -18.68
C ALA B 190 -24.16 3.10 -19.56
N GLU B 191 -24.39 3.45 -20.82
CA GLU B 191 -23.33 3.61 -21.81
C GLU B 191 -22.78 5.03 -21.65
N PRO B 192 -21.45 5.20 -21.75
CA PRO B 192 -20.83 6.51 -21.62
C PRO B 192 -21.26 7.46 -22.75
N TYR B 193 -21.53 8.70 -22.39
CA TYR B 193 -21.94 9.72 -23.35
C TYR B 193 -21.02 9.80 -24.57
N LEU B 194 -19.71 9.66 -24.37
CA LEU B 194 -18.76 9.76 -25.47
C LEU B 194 -18.86 8.59 -26.45
N LEU B 195 -19.13 7.40 -25.94
CA LEU B 195 -19.28 6.24 -26.81
C LEU B 195 -20.56 6.47 -27.63
N THR B 196 -21.59 6.96 -26.95
CA THR B 196 -22.87 7.24 -27.60
C THR B 196 -22.66 8.20 -28.77
N MET B 197 -21.90 9.25 -28.54
CA MET B 197 -21.64 10.22 -29.60
C MET B 197 -20.77 9.60 -30.69
N ALA B 198 -19.81 8.77 -30.29
CA ALA B 198 -18.93 8.13 -31.26
C ALA B 198 -19.77 7.28 -32.23
N LYS B 199 -20.70 6.51 -31.67
CA LYS B 199 -21.56 5.69 -32.52
C LYS B 199 -22.45 6.54 -33.43
N LYS B 200 -22.95 7.67 -32.90
CA LYS B 200 -23.80 8.55 -33.69
C LYS B 200 -23.03 9.28 -34.77
N ALA B 201 -21.72 9.42 -34.56
CA ALA B 201 -20.87 10.09 -35.56
C ALA B 201 -20.57 9.06 -36.64
N LEU B 202 -21.04 7.83 -36.42
CA LEU B 202 -20.85 6.72 -37.34
C LEU B 202 -19.40 6.22 -37.32
#